data_6AHI
#
_entry.id   6AHI
#
_cell.length_a   71.405
_cell.length_b   82.719
_cell.length_c   96.141
_cell.angle_alpha   90.00
_cell.angle_beta   90.00
_cell.angle_gamma   90.00
#
_symmetry.space_group_name_H-M   'P 2 21 21'
#
loop_
_entity.id
_entity.type
_entity.pdbx_description
1 polymer 'Cysteine synthase'
2 non-polymer METHIONINE
3 water water
#
_entity_poly.entity_id   1
_entity_poly.type   'polypeptide(L)'
_entity_poly.pdbx_seq_one_letter_code
;MMIITTMQDAIGRTPVFKFTNKDYPIPLNSAIYAKLEHLNPGGSV(LLP)DRLGQYLIGEGFKTGKITSKTTIIEPTAGN
TGIALALVAIKHHLKTIFVVPEKFSTEKQQIMRALGALVINTPTSEGISGAIKKSKELAESIPDSYLPLQFENPDNPAAY
YHTLAPEIVQELGTNLTSFVAGIGSGGTFAGTARYLKERIPAIRLIGVEPEGSILNGGEPGPHEIEGIGVEFIPPFFENL
DIDGFETISDEEGFSYTRKLAKKNGLLVGSSSGAAFVAALKEAQRLPEGSQVLTIFPDVADRYLSKGIYLLQHHHHHH
;
_entity_poly.pdbx_strand_id   A,B
#
# COMPACT_ATOMS: atom_id res chain seq x y z
N MET A 1 -12.72 3.29 -10.95
CA MET A 1 -12.43 4.09 -9.71
C MET A 1 -12.60 5.59 -10.06
N MET A 2 -11.58 6.25 -10.62
CA MET A 2 -11.60 7.72 -10.83
C MET A 2 -10.30 8.20 -11.49
N ILE A 3 -10.32 9.43 -12.02
CA ILE A 3 -9.16 10.09 -12.55
C ILE A 3 -8.75 11.15 -11.52
N ILE A 4 -7.50 11.10 -11.04
CA ILE A 4 -7.00 12.01 -10.01
C ILE A 4 -5.76 12.78 -10.51
N THR A 5 -5.58 13.99 -9.96
CA THR A 5 -4.47 14.86 -10.33
C THR A 5 -3.62 15.14 -9.09
N THR A 6 -4.03 14.58 -7.95
CA THR A 6 -3.34 14.70 -6.68
C THR A 6 -3.62 13.43 -5.87
N MET A 7 -2.61 12.88 -5.20
CA MET A 7 -2.81 11.64 -4.45
C MET A 7 -3.73 11.89 -3.24
N GLN A 8 -3.87 13.18 -2.87
CA GLN A 8 -4.81 13.61 -1.86
C GLN A 8 -6.24 13.23 -2.19
N ASP A 9 -6.59 13.22 -3.47
CA ASP A 9 -7.92 12.85 -3.90
C ASP A 9 -8.26 11.39 -3.51
N ALA A 10 -7.25 10.59 -3.18
CA ALA A 10 -7.46 9.17 -2.92
C ALA A 10 -7.49 8.88 -1.41
N ILE A 11 -7.39 9.91 -0.54
CA ILE A 11 -7.42 9.74 0.95
C ILE A 11 -8.85 9.38 1.36
N GLY A 12 -8.99 8.37 2.25
CA GLY A 12 -10.29 8.03 2.80
C GLY A 12 -11.08 7.08 1.90
N ARG A 13 -12.37 6.96 2.21
CA ARG A 13 -13.32 6.05 1.56
C ARG A 13 -12.70 4.63 1.53
N THR A 14 -12.18 4.20 2.69
CA THR A 14 -11.53 2.91 2.78
C THR A 14 -12.55 1.81 3.02
N PRO A 15 -12.23 0.56 2.64
CA PRO A 15 -13.15 -0.55 2.89
C PRO A 15 -13.13 -1.00 4.38
N VAL A 16 -14.11 -1.84 4.72
CA VAL A 16 -14.22 -2.42 6.02
C VAL A 16 -14.19 -3.93 5.86
N PHE A 17 -13.28 -4.61 6.57
CA PHE A 17 -13.20 -6.04 6.58
C PHE A 17 -14.13 -6.58 7.66
N LYS A 18 -14.99 -7.53 7.30
CA LYS A 18 -15.89 -8.17 8.26
C LYS A 18 -15.41 -9.57 8.60
N PHE A 19 -15.15 -9.79 9.90
CA PHE A 19 -14.77 -11.07 10.47
C PHE A 19 -15.96 -11.67 11.24
N THR A 20 -16.19 -12.99 11.07
CA THR A 20 -17.21 -13.70 11.81
C THR A 20 -16.62 -14.96 12.45
N ASN A 21 -17.51 -15.78 13.02
CA ASN A 21 -17.10 -17.04 13.71
C ASN A 21 -16.46 -18.03 12.73
N LYS A 22 -16.56 -17.78 11.41
CA LYS A 22 -15.91 -18.59 10.37
C LYS A 22 -14.40 -18.37 10.38
N ASP A 23 -13.95 -17.20 10.85
CA ASP A 23 -12.58 -16.71 10.71
C ASP A 23 -11.81 -16.87 12.03
N TYR A 24 -12.47 -16.54 13.14
CA TYR A 24 -11.89 -16.45 14.47
C TYR A 24 -12.95 -16.80 15.52
N PRO A 25 -12.59 -17.17 16.77
CA PRO A 25 -13.58 -17.43 17.83
C PRO A 25 -14.43 -16.22 18.26
N ILE A 26 -15.38 -15.86 17.41
CA ILE A 26 -16.31 -14.75 17.60
C ILE A 26 -17.68 -15.39 17.83
N PRO A 27 -18.49 -15.00 18.85
CA PRO A 27 -19.79 -15.67 19.05
C PRO A 27 -20.66 -15.69 17.79
N LEU A 28 -21.56 -16.68 17.76
CA LEU A 28 -22.60 -16.80 16.78
C LEU A 28 -23.31 -15.45 16.58
N ASN A 29 -23.38 -15.03 15.31
CA ASN A 29 -24.12 -13.86 14.82
C ASN A 29 -23.41 -12.55 15.19
N SER A 30 -22.29 -12.62 15.89
CA SER A 30 -21.46 -11.45 16.13
C SER A 30 -20.50 -11.25 14.95
N ALA A 31 -19.92 -10.06 14.88
CA ALA A 31 -18.95 -9.72 13.86
C ALA A 31 -17.99 -8.66 14.40
N ILE A 32 -16.78 -8.67 13.82
CA ILE A 32 -15.84 -7.60 13.97
C ILE A 32 -15.69 -6.93 12.60
N TYR A 33 -15.80 -5.61 12.61
CA TYR A 33 -15.55 -4.78 11.44
C TYR A 33 -14.26 -4.00 11.67
N ALA A 34 -13.30 -4.16 10.76
CA ALA A 34 -12.08 -3.43 10.80
C ALA A 34 -12.05 -2.46 9.65
N LYS A 35 -11.98 -1.18 10.01
CA LYS A 35 -11.77 -0.15 9.05
C LYS A 35 -10.31 -0.18 8.59
N LEU A 36 -10.09 -0.37 7.28
CA LEU A 36 -8.78 -0.63 6.71
C LEU A 36 -8.08 0.68 6.29
N GLU A 37 -7.58 1.40 7.28
CA GLU A 37 -6.97 2.70 7.10
C GLU A 37 -5.56 2.58 6.54
N HIS A 38 -5.01 1.37 6.56
CA HIS A 38 -3.70 1.12 5.96
C HIS A 38 -3.74 1.26 4.43
N LEU A 39 -4.94 1.23 3.83
CA LEU A 39 -5.06 1.33 2.40
C LEU A 39 -5.14 2.79 1.93
N ASN A 40 -5.02 3.77 2.84
CA ASN A 40 -4.81 5.15 2.45
C ASN A 40 -3.51 5.27 1.64
N PRO A 41 -3.38 6.28 0.76
CA PRO A 41 -2.21 6.39 -0.12
C PRO A 41 -0.87 6.63 0.59
N GLY A 42 -0.92 7.17 1.82
CA GLY A 42 0.28 7.33 2.63
C GLY A 42 0.55 6.13 3.51
N GLY A 43 -0.35 5.13 3.46
CA GLY A 43 -0.17 3.87 4.15
C GLY A 43 -0.67 3.86 5.60
N SER A 44 -1.35 4.92 6.04
CA SER A 44 -1.85 4.99 7.42
C SER A 44 -3.09 5.88 7.55
N VAL A 45 -3.80 5.67 8.66
CA VAL A 45 -4.90 6.49 9.13
C VAL A 45 -4.47 7.95 9.27
N1 LLP A 46 -1.06 2.97 15.06
C2 LLP A 46 -0.16 3.51 14.22
C2' LLP A 46 0.61 2.65 13.24
C3 LLP A 46 0.11 4.97 14.26
O3 LLP A 46 1.03 5.55 13.44
C4 LLP A 46 -0.66 5.80 15.20
C4' LLP A 46 -0.35 7.28 15.38
C5 LLP A 46 -1.62 5.09 16.06
C6 LLP A 46 -1.80 3.70 15.90
C5' LLP A 46 -2.46 5.80 17.12
OP4 LLP A 46 -3.24 6.87 16.61
P LLP A 46 -3.48 8.13 17.61
OP1 LLP A 46 -2.26 9.01 17.71
OP2 LLP A 46 -4.58 8.85 16.85
OP3 LLP A 46 -3.79 7.49 18.95
N LLP A 46 -3.19 8.23 9.52
CA LLP A 46 -2.77 9.62 9.71
CB LLP A 46 -1.34 9.78 10.13
CG LLP A 46 -1.00 9.00 11.40
CD LLP A 46 -1.73 9.52 12.64
CE LLP A 46 -1.76 8.43 13.72
NZ LLP A 46 -0.45 8.13 14.22
C LLP A 46 -2.99 10.52 8.49
O LLP A 46 -3.02 11.74 8.64
N ASP A 47 -3.13 9.93 7.30
CA ASP A 47 -3.47 10.67 6.09
C ASP A 47 -4.69 11.57 6.31
N ARG A 48 -5.67 11.08 7.08
CA ARG A 48 -6.86 11.88 7.40
C ARG A 48 -6.48 13.09 8.26
N LEU A 49 -5.59 12.88 9.22
CA LEU A 49 -5.14 13.95 10.14
C LEU A 49 -4.42 15.03 9.33
N GLY A 50 -3.52 14.60 8.44
CA GLY A 50 -2.75 15.50 7.63
C GLY A 50 -3.65 16.36 6.78
N GLN A 51 -4.65 15.73 6.18
CA GLN A 51 -5.52 16.39 5.27
C GLN A 51 -6.37 17.42 6.02
N TYR A 52 -6.83 17.04 7.21
CA TYR A 52 -7.66 17.90 8.02
C TYR A 52 -6.84 19.10 8.52
N LEU A 53 -5.64 18.87 9.06
CA LEU A 53 -4.83 19.94 9.69
C LEU A 53 -4.50 21.03 8.67
N ILE A 54 -4.09 20.62 7.46
CA ILE A 54 -3.73 21.54 6.39
C ILE A 54 -4.96 22.28 5.88
N GLY A 55 -6.05 21.53 5.62
CA GLY A 55 -7.32 22.11 5.17
C GLY A 55 -7.85 23.18 6.11
N GLU A 56 -7.90 22.88 7.40
CA GLU A 56 -8.43 23.80 8.41
C GLU A 56 -7.45 24.95 8.64
N GLY A 57 -6.15 24.67 8.55
CA GLY A 57 -5.11 25.69 8.69
C GLY A 57 -5.28 26.83 7.69
N PHE A 58 -5.57 26.47 6.43
CA PHE A 58 -5.87 27.45 5.38
C PHE A 58 -7.15 28.22 5.74
N LYS A 59 -8.07 27.54 6.37
CA LYS A 59 -9.40 28.09 6.71
C LYS A 59 -9.29 29.13 7.83
N THR A 60 -8.47 28.84 8.85
CA THR A 60 -8.34 29.73 10.02
C THR A 60 -7.24 30.77 9.81
N GLY A 61 -6.42 30.59 8.78
CA GLY A 61 -5.32 31.55 8.57
C GLY A 61 -4.07 31.09 9.29
N LYS A 62 -4.11 29.92 9.92
CA LYS A 62 -2.88 29.40 10.57
C LYS A 62 -1.86 28.99 9.49
N ILE A 63 -2.31 28.64 8.27
CA ILE A 63 -1.44 28.28 7.15
C ILE A 63 -1.72 29.19 5.96
N THR A 64 -0.67 29.68 5.33
CA THR A 64 -0.73 30.38 4.03
C THR A 64 0.35 29.80 3.11
N SER A 65 0.58 30.43 1.94
CA SER A 65 1.25 29.80 0.80
C SER A 65 2.72 29.53 1.11
N LYS A 66 3.32 30.37 1.97
CA LYS A 66 4.71 30.21 2.42
C LYS A 66 4.74 30.18 3.95
N THR A 67 3.89 29.29 4.47
CA THR A 67 4.05 28.68 5.79
C THR A 67 4.94 27.44 5.65
N THR A 68 5.83 27.23 6.64
CA THR A 68 6.54 25.97 6.79
C THR A 68 5.87 25.16 7.92
N ILE A 69 5.51 23.91 7.62
CA ILE A 69 4.97 22.99 8.62
C ILE A 69 6.13 22.31 9.35
N ILE A 70 6.11 22.36 10.69
CA ILE A 70 7.07 21.66 11.55
C ILE A 70 6.29 20.72 12.49
N GLU A 71 6.71 19.46 12.60
CA GLU A 71 6.08 18.51 13.53
C GLU A 71 7.09 17.49 14.03
N PRO A 72 7.16 17.19 15.36
CA PRO A 72 7.83 16.01 15.85
C PRO A 72 6.97 14.77 15.59
N THR A 73 7.56 13.67 15.11
CA THR A 73 6.78 12.48 14.76
C THR A 73 7.69 11.26 14.81
N ALA A 74 7.11 10.11 15.12
CA ALA A 74 7.77 8.82 15.02
C ALA A 74 7.38 8.15 13.69
N GLY A 75 6.66 8.85 12.81
CA GLY A 75 6.72 8.49 11.39
C GLY A 75 5.47 8.86 10.59
N ASN A 76 4.32 8.28 10.96
CA ASN A 76 3.14 8.26 10.06
C ASN A 76 2.57 9.67 9.89
N THR A 77 2.58 10.47 10.95
CA THR A 77 2.04 11.81 10.84
C THR A 77 2.90 12.63 9.85
N GLY A 78 4.23 12.43 9.88
CA GLY A 78 5.13 13.04 8.93
C GLY A 78 4.83 12.67 7.49
N ILE A 79 4.59 11.38 7.24
CA ILE A 79 4.26 10.93 5.89
C ILE A 79 2.99 11.64 5.42
N ALA A 80 1.97 11.65 6.29
CA ALA A 80 0.67 12.20 5.95
C ALA A 80 0.78 13.69 5.63
N LEU A 81 1.53 14.42 6.47
CA LEU A 81 1.65 15.87 6.27
C LEU A 81 2.44 16.15 4.99
N ALA A 82 3.51 15.38 4.75
CA ALA A 82 4.33 15.59 3.57
C ALA A 82 3.49 15.32 2.30
N LEU A 83 2.68 14.27 2.33
CA LEU A 83 1.85 13.88 1.18
C LEU A 83 0.84 14.99 0.83
N VAL A 84 0.19 15.52 1.87
CA VAL A 84 -0.85 16.52 1.69
C VAL A 84 -0.21 17.87 1.30
N ALA A 85 0.98 18.16 1.84
CA ALA A 85 1.69 19.43 1.54
C ALA A 85 1.96 19.62 0.04
N ILE A 86 2.12 18.52 -0.69
CA ILE A 86 2.50 18.56 -2.11
C ILE A 86 1.52 19.40 -2.94
N LYS A 87 0.22 19.20 -2.73
CA LYS A 87 -0.79 19.85 -3.54
C LYS A 87 -0.62 21.36 -3.48
N HIS A 88 -0.34 21.91 -2.28
CA HIS A 88 -0.23 23.36 -2.09
C HIS A 88 1.23 23.81 -2.01
N HIS A 89 2.17 22.94 -2.41
CA HIS A 89 3.60 23.27 -2.49
C HIS A 89 4.14 23.79 -1.15
N LEU A 90 3.64 23.26 -0.01
CA LEU A 90 4.14 23.68 1.31
C LEU A 90 5.42 22.90 1.64
N LYS A 91 6.40 23.61 2.22
CA LYS A 91 7.58 22.96 2.84
C LYS A 91 7.22 22.40 4.21
N THR A 92 7.88 21.29 4.57
CA THR A 92 7.67 20.55 5.81
C THR A 92 9.04 20.22 6.45
N ILE A 93 9.08 20.26 7.79
CA ILE A 93 10.24 19.81 8.57
C ILE A 93 9.73 18.83 9.63
N PHE A 94 10.30 17.61 9.66
CA PHE A 94 9.93 16.65 10.70
C PHE A 94 11.13 16.37 11.59
N VAL A 95 10.86 16.35 12.91
CA VAL A 95 11.86 16.02 13.92
C VAL A 95 11.56 14.62 14.43
N VAL A 96 12.51 13.71 14.18
CA VAL A 96 12.35 12.29 14.38
C VAL A 96 13.55 11.79 15.18
N PRO A 97 13.32 11.06 16.29
CA PRO A 97 14.42 10.46 17.04
C PRO A 97 15.19 9.53 16.11
N GLU A 98 16.50 9.64 16.07
CA GLU A 98 17.30 8.75 15.20
C GLU A 98 17.03 7.30 15.60
N LYS A 99 16.80 6.40 14.65
CA LYS A 99 16.58 5.00 15.04
C LYS A 99 15.11 4.71 15.34
N PHE A 100 14.22 5.69 15.19
CA PHE A 100 12.79 5.46 15.51
C PHE A 100 12.22 4.60 14.38
N SER A 101 12.20 5.13 13.16
CA SER A 101 11.62 4.37 12.02
C SER A 101 12.32 4.83 10.74
N THR A 102 13.30 4.06 10.28
CA THR A 102 14.10 4.44 9.08
C THR A 102 13.22 4.47 7.83
N GLU A 103 12.53 3.38 7.52
CA GLU A 103 11.69 3.32 6.34
C GLU A 103 10.76 4.54 6.29
N LYS A 104 10.12 4.87 7.41
CA LYS A 104 9.18 5.99 7.41
C LYS A 104 9.94 7.30 7.17
N GLN A 105 11.15 7.42 7.69
CA GLN A 105 11.96 8.63 7.44
C GLN A 105 12.34 8.75 5.96
N GLN A 106 12.67 7.62 5.32
CA GLN A 106 13.01 7.59 3.89
C GLN A 106 11.80 8.11 3.08
N ILE A 107 10.59 7.71 3.48
CA ILE A 107 9.38 8.04 2.77
C ILE A 107 9.10 9.54 2.96
N MET A 108 9.26 10.03 4.19
CA MET A 108 9.10 11.47 4.45
C MET A 108 10.00 12.31 3.52
N ARG A 109 11.25 11.89 3.42
CA ARG A 109 12.24 12.63 2.61
C ARG A 109 11.83 12.49 1.14
N ALA A 110 11.47 11.28 0.74
CA ALA A 110 11.02 11.01 -0.65
C ALA A 110 9.91 12.01 -1.06
N LEU A 111 9.04 12.36 -0.11
CA LEU A 111 7.89 13.26 -0.37
C LEU A 111 8.25 14.75 -0.26
N GLY A 112 9.54 15.07 -0.01
CA GLY A 112 10.03 16.43 -0.02
C GLY A 112 10.24 17.05 1.35
N ALA A 113 10.11 16.26 2.44
CA ALA A 113 10.27 16.81 3.80
C ALA A 113 11.76 16.87 4.18
N LEU A 114 12.11 17.90 4.97
CA LEU A 114 13.39 17.95 5.70
C LEU A 114 13.22 17.16 7.01
N VAL A 115 14.03 16.12 7.23
CA VAL A 115 13.98 15.29 8.41
C VAL A 115 15.20 15.64 9.27
N ILE A 116 14.95 16.06 10.51
CA ILE A 116 16.00 16.41 11.48
C ILE A 116 15.91 15.37 12.60
N ASN A 117 17.05 14.75 12.92
CA ASN A 117 17.09 13.69 13.93
C ASN A 117 17.55 14.23 15.28
N THR A 118 17.00 13.63 16.34
CA THR A 118 17.41 13.82 17.73
C THR A 118 17.90 12.49 18.30
N PRO A 119 18.64 12.48 19.43
CA PRO A 119 19.08 11.22 20.04
C PRO A 119 17.90 10.29 20.42
N THR A 120 18.16 8.98 20.23
CA THR A 120 17.17 7.94 20.47
C THR A 120 16.79 7.89 21.94
N SER A 121 17.76 8.15 22.83
CA SER A 121 17.57 8.01 24.28
C SER A 121 16.74 9.16 24.86
N GLU A 122 16.65 10.31 24.16
CA GLU A 122 15.79 11.42 24.57
C GLU A 122 14.34 11.18 24.10
N GLY A 123 14.16 10.12 23.29
CA GLY A 123 12.86 9.66 22.84
C GLY A 123 12.09 10.72 22.07
N ILE A 124 10.77 10.64 22.15
CA ILE A 124 9.90 11.54 21.44
C ILE A 124 9.96 12.93 22.08
N SER A 125 10.20 12.99 23.40
CA SER A 125 10.23 14.25 24.11
C SER A 125 11.36 15.13 23.58
N GLY A 126 12.49 14.53 23.21
CA GLY A 126 13.63 15.23 22.63
C GLY A 126 13.28 15.87 21.28
N ALA A 127 12.52 15.11 20.47
CA ALA A 127 12.01 15.59 19.19
C ALA A 127 11.07 16.79 19.40
N ILE A 128 10.17 16.67 20.39
CA ILE A 128 9.23 17.77 20.70
C ILE A 128 10.00 19.05 21.06
N LYS A 129 10.99 18.94 21.95
CA LYS A 129 11.75 20.10 22.39
C LYS A 129 12.39 20.77 21.17
N LYS A 130 13.04 19.97 20.32
CA LYS A 130 13.78 20.52 19.20
C LYS A 130 12.80 21.20 18.23
N SER A 131 11.66 20.57 17.96
CA SER A 131 10.63 21.14 17.09
C SER A 131 10.18 22.52 17.59
N LYS A 132 10.04 22.68 18.92
CA LYS A 132 9.61 23.96 19.54
C LYS A 132 10.63 25.06 19.24
N GLU A 133 11.92 24.71 19.28
CA GLU A 133 13.04 25.65 19.03
C GLU A 133 12.98 26.16 17.58
N LEU A 134 12.74 25.24 16.64
CA LEU A 134 12.69 25.58 15.23
C LEU A 134 11.56 26.59 14.96
N ALA A 135 10.37 26.34 15.55
CA ALA A 135 9.16 27.13 15.27
C ALA A 135 9.33 28.60 15.65
N GLU A 136 9.98 28.82 16.80
CA GLU A 136 10.26 30.14 17.31
C GLU A 136 11.21 30.87 16.34
N SER A 137 12.09 30.11 15.69
CA SER A 137 13.22 30.67 14.92
C SER A 137 12.92 30.69 13.42
N ILE A 138 11.73 30.20 13.02
CA ILE A 138 11.27 30.19 11.61
C ILE A 138 10.03 31.06 11.48
N PRO A 139 10.10 32.22 10.77
CA PRO A 139 8.92 33.05 10.54
C PRO A 139 7.84 32.31 9.74
N ASP A 140 6.57 32.55 10.08
CA ASP A 140 5.43 31.94 9.43
C ASP A 140 5.51 30.41 9.52
N SER A 141 5.86 29.89 10.70
CA SER A 141 5.84 28.43 10.92
C SER A 141 4.46 27.99 11.42
N TYR A 142 4.21 26.69 11.34
CA TYR A 142 3.04 26.13 11.95
C TYR A 142 3.43 24.80 12.58
N LEU A 143 3.16 24.68 13.88
CA LEU A 143 3.59 23.57 14.72
C LEU A 143 2.34 22.93 15.30
N PRO A 144 1.76 21.90 14.64
CA PRO A 144 0.50 21.32 15.08
C PRO A 144 0.56 20.82 16.53
N LEU A 145 1.67 20.19 16.92
CA LEU A 145 1.79 19.42 18.19
C LEU A 145 0.53 18.56 18.36
N GLN A 146 0.46 17.52 17.54
CA GLN A 146 -0.67 16.62 17.47
C GLN A 146 -1.00 16.09 18.87
N PHE A 147 0.02 15.89 19.72
CA PHE A 147 -0.13 15.23 21.01
C PHE A 147 -0.92 16.09 22.01
N GLU A 148 -1.09 17.38 21.73
CA GLU A 148 -1.91 18.23 22.61
C GLU A 148 -2.94 19.05 21.82
N ASN A 149 -2.93 18.98 20.49
CA ASN A 149 -3.79 19.85 19.72
C ASN A 149 -5.17 19.21 19.66
N PRO A 150 -6.27 19.87 20.12
CA PRO A 150 -7.62 19.31 19.95
C PRO A 150 -8.06 19.09 18.50
N ASP A 151 -7.31 19.64 17.55
CA ASP A 151 -7.62 19.42 16.13
C ASP A 151 -7.24 17.99 15.71
N ASN A 152 -6.42 17.32 16.52
CA ASN A 152 -6.09 15.91 16.29
C ASN A 152 -7.38 15.09 16.36
N PRO A 153 -8.05 14.92 17.53
CA PRO A 153 -9.31 14.18 17.56
C PRO A 153 -10.38 14.77 16.62
N ALA A 154 -10.39 16.10 16.44
CA ALA A 154 -11.41 16.72 15.58
C ALA A 154 -11.30 16.18 14.16
N ALA A 155 -10.07 15.90 13.73
CA ALA A 155 -9.91 15.40 12.34
C ALA A 155 -10.74 14.14 12.11
N TYR A 156 -10.69 13.25 13.11
CA TYR A 156 -11.35 11.94 12.95
C TYR A 156 -12.87 12.10 13.11
N TYR A 157 -13.25 12.99 14.02
CA TYR A 157 -14.63 13.34 14.25
C TYR A 157 -15.31 13.77 12.94
N HIS A 158 -14.58 14.49 12.09
CA HIS A 158 -15.15 15.14 10.89
C HIS A 158 -15.01 14.27 9.62
N THR A 159 -14.12 13.26 9.62
CA THR A 159 -13.76 12.54 8.39
C THR A 159 -14.03 11.05 8.56
N LEU A 160 -13.21 10.38 9.37
CA LEU A 160 -13.28 8.93 9.56
C LEU A 160 -14.65 8.51 10.11
N ALA A 161 -15.09 9.16 11.20
CA ALA A 161 -16.23 8.63 11.96
C ALA A 161 -17.51 8.69 11.11
N PRO A 162 -17.82 9.81 10.41
CA PRO A 162 -19.01 9.84 9.57
C PRO A 162 -19.00 8.80 8.45
N GLU A 163 -17.81 8.53 7.93
CA GLU A 163 -17.65 7.53 6.86
C GLU A 163 -18.05 6.14 7.39
N ILE A 164 -17.62 5.85 8.61
CA ILE A 164 -17.94 4.57 9.26
C ILE A 164 -19.45 4.40 9.42
N VAL A 165 -20.13 5.42 9.93
CA VAL A 165 -21.57 5.30 10.14
C VAL A 165 -22.28 5.20 8.78
N GLN A 166 -21.78 5.88 7.75
CA GLN A 166 -22.39 5.73 6.40
C GLN A 166 -22.32 4.28 5.92
N GLU A 167 -21.21 3.59 6.17
CA GLU A 167 -21.00 2.21 5.69
C GLU A 167 -21.68 1.19 6.63
N LEU A 168 -21.62 1.40 7.95
CA LEU A 168 -22.04 0.34 8.86
C LEU A 168 -23.35 0.63 9.56
N GLY A 169 -23.85 1.87 9.51
CA GLY A 169 -25.05 2.27 10.26
C GLY A 169 -24.77 2.40 11.76
N THR A 170 -25.84 2.29 12.54
CA THR A 170 -25.81 2.56 13.95
C THR A 170 -25.86 1.26 14.77
N ASN A 171 -25.89 0.08 14.14
CA ASN A 171 -25.90 -1.22 14.86
C ASN A 171 -24.45 -1.60 15.22
N LEU A 172 -23.88 -0.81 16.11
CA LEU A 172 -22.55 -1.10 16.66
C LEU A 172 -22.65 -1.16 18.18
N THR A 173 -22.05 -2.20 18.74
CA THR A 173 -22.10 -2.50 20.14
C THR A 173 -20.90 -1.87 20.85
N SER A 174 -19.75 -1.88 20.18
CA SER A 174 -18.51 -1.48 20.77
C SER A 174 -17.56 -0.91 19.69
N PHE A 175 -16.71 0.02 20.14
CA PHE A 175 -15.63 0.62 19.41
C PHE A 175 -14.33 0.38 20.18
N VAL A 176 -13.40 -0.29 19.52
CA VAL A 176 -12.15 -0.72 20.08
C VAL A 176 -11.04 -0.14 19.21
N ALA A 177 -10.13 0.65 19.79
CA ALA A 177 -9.09 1.27 18.97
C ALA A 177 -7.83 1.52 19.81
N GLY A 178 -6.68 1.34 19.15
CA GLY A 178 -5.38 1.64 19.73
C GLY A 178 -5.21 3.13 20.02
N ILE A 179 -4.46 3.41 21.09
CA ILE A 179 -4.16 4.76 21.55
C ILE A 179 -2.65 4.95 21.51
N GLY A 180 -2.24 5.96 20.72
CA GLY A 180 -0.93 6.58 20.75
C GLY A 180 -1.04 7.96 21.37
N SER A 181 -1.34 8.96 20.55
CA SER A 181 -1.70 10.31 21.02
C SER A 181 -3.10 10.25 21.66
N GLY A 182 -3.95 9.34 21.16
CA GLY A 182 -5.33 9.26 21.60
C GLY A 182 -6.32 9.94 20.67
N GLY A 183 -5.84 10.62 19.63
CA GLY A 183 -6.71 11.39 18.72
C GLY A 183 -7.70 10.52 17.96
N THR A 184 -7.22 9.44 17.33
CA THR A 184 -8.11 8.55 16.54
C THR A 184 -9.27 8.06 17.41
N PHE A 185 -8.90 7.53 18.58
CA PHE A 185 -9.85 6.94 19.50
C PHE A 185 -10.85 8.01 19.98
N ALA A 186 -10.33 9.14 20.46
CA ALA A 186 -11.17 10.16 21.06
C ALA A 186 -12.11 10.82 20.05
N GLY A 187 -11.59 11.13 18.85
CA GLY A 187 -12.36 11.81 17.82
C GLY A 187 -13.51 10.94 17.30
N THR A 188 -13.18 9.69 17.01
CA THR A 188 -14.10 8.73 16.49
C THR A 188 -15.13 8.39 17.57
N ALA A 189 -14.66 8.19 18.81
CA ALA A 189 -15.54 7.81 19.89
C ALA A 189 -16.58 8.89 20.15
N ARG A 190 -16.16 10.15 20.11
CA ARG A 190 -17.08 11.29 20.36
C ARG A 190 -18.20 11.25 19.34
N TYR A 191 -17.87 11.09 18.08
CA TYR A 191 -18.87 11.05 17.00
C TYR A 191 -19.82 9.85 17.13
N LEU A 192 -19.27 8.67 17.41
CA LEU A 192 -20.06 7.44 17.56
C LEU A 192 -21.00 7.55 18.78
N LYS A 193 -20.49 8.11 19.88
CA LYS A 193 -21.30 8.26 21.08
C LYS A 193 -22.49 9.16 20.84
N GLU A 194 -22.31 10.21 20.03
CA GLU A 194 -23.40 11.12 19.69
C GLU A 194 -24.52 10.38 18.94
N ARG A 195 -24.12 9.50 18.02
CA ARG A 195 -25.06 8.79 17.13
C ARG A 195 -25.52 7.45 17.74
N ILE A 196 -24.74 6.88 18.64
CA ILE A 196 -25.00 5.56 19.19
C ILE A 196 -24.72 5.63 20.68
N PRO A 197 -25.62 6.26 21.49
CA PRO A 197 -25.33 6.51 22.90
C PRO A 197 -24.98 5.27 23.72
N ALA A 198 -25.48 4.10 23.34
CA ALA A 198 -25.21 2.85 24.06
C ALA A 198 -23.84 2.24 23.73
N ILE A 199 -23.07 2.80 22.78
CA ILE A 199 -21.85 2.09 22.33
C ILE A 199 -20.83 2.03 23.48
N ARG A 200 -20.12 0.91 23.56
CA ARG A 200 -19.01 0.71 24.48
C ARG A 200 -17.73 1.23 23.81
N LEU A 201 -16.85 1.81 24.63
CA LEU A 201 -15.59 2.36 24.15
C LEU A 201 -14.43 1.67 24.89
N ILE A 202 -13.54 1.02 24.13
CA ILE A 202 -12.38 0.31 24.64
C ILE A 202 -11.12 0.84 23.94
N GLY A 203 -10.19 1.38 24.72
CA GLY A 203 -8.90 1.85 24.22
C GLY A 203 -7.88 0.74 24.34
N VAL A 204 -6.94 0.65 23.40
CA VAL A 204 -6.03 -0.47 23.35
C VAL A 204 -4.60 0.06 23.49
N GLU A 205 -3.81 -0.60 24.35
CA GLU A 205 -2.44 -0.22 24.63
C GLU A 205 -1.62 -1.49 24.69
N PRO A 206 -0.32 -1.42 24.39
CA PRO A 206 0.59 -2.54 24.59
C PRO A 206 1.05 -2.62 26.06
N GLU A 207 1.54 -3.79 26.46
CA GLU A 207 2.25 -3.96 27.74
C GLU A 207 3.32 -2.89 27.81
N GLY A 208 3.49 -2.32 29.02
CA GLY A 208 4.44 -1.25 29.28
C GLY A 208 3.86 0.13 29.05
N SER A 209 2.57 0.20 28.68
CA SER A 209 1.79 1.43 28.70
C SER A 209 1.05 1.50 30.06
N ILE A 210 0.55 2.68 30.47
CA ILE A 210 0.12 2.88 31.90
C ILE A 210 -1.40 2.94 32.11
N LEU A 211 -2.23 2.81 31.06
CA LEU A 211 -3.67 3.18 31.18
C LEU A 211 -4.40 2.23 32.15
N ASN A 212 -3.97 0.97 32.25
CA ASN A 212 -4.54 0.01 33.24
C ASN A 212 -3.71 -0.03 34.53
N GLY A 213 -2.87 0.99 34.78
CA GLY A 213 -2.17 1.13 36.06
C GLY A 213 -0.85 0.38 36.09
N GLY A 214 -0.51 -0.35 35.03
CA GLY A 214 0.78 -1.07 34.94
C GLY A 214 1.96 -0.11 34.92
N GLU A 215 3.16 -0.66 35.19
CA GLU A 215 4.40 0.11 35.20
C GLU A 215 4.79 0.48 33.78
N PRO A 216 5.38 1.68 33.53
CA PRO A 216 5.84 2.04 32.20
C PRO A 216 7.06 1.20 31.81
N GLY A 217 7.24 0.94 30.52
CA GLY A 217 8.34 0.13 30.01
C GLY A 217 8.24 -0.01 28.49
N PRO A 218 9.34 -0.39 27.81
CA PRO A 218 9.34 -0.49 26.35
C PRO A 218 8.49 -1.67 25.85
N HIS A 219 8.15 -1.61 24.57
CA HIS A 219 7.27 -2.57 23.91
C HIS A 219 7.64 -2.59 22.44
N GLU A 220 7.64 -3.77 21.81
CA GLU A 220 7.93 -3.86 20.36
C GLU A 220 6.74 -3.37 19.54
N ILE A 221 5.50 -3.51 20.03
CA ILE A 221 4.34 -2.98 19.24
C ILE A 221 4.62 -1.50 18.96
N GLU A 222 4.40 -1.08 17.71
CA GLU A 222 4.71 0.26 17.25
C GLU A 222 3.46 1.07 16.93
N GLY A 223 3.40 2.29 17.47
CA GLY A 223 2.38 3.26 17.12
C GLY A 223 1.42 3.54 18.26
N ILE A 224 1.27 2.59 19.20
CA ILE A 224 0.37 2.74 20.31
C ILE A 224 1.19 2.60 21.61
N GLY A 225 0.62 3.08 22.70
CA GLY A 225 1.26 3.09 24.00
C GLY A 225 1.43 4.51 24.49
N VAL A 226 1.15 4.70 25.78
CA VAL A 226 1.32 5.97 26.43
C VAL A 226 2.11 5.75 27.72
N GLU A 227 2.86 6.78 28.08
CA GLU A 227 3.61 6.82 29.35
C GLU A 227 2.90 7.73 30.37
N PHE A 228 1.77 8.33 29.97
CA PHE A 228 0.94 9.25 30.75
C PHE A 228 -0.45 9.34 30.09
N ILE A 229 -1.41 9.92 30.81
CA ILE A 229 -2.81 10.08 30.33
C ILE A 229 -2.83 11.10 29.19
N PRO A 230 -3.34 10.75 27.99
CA PRO A 230 -3.64 11.74 26.94
C PRO A 230 -4.62 12.80 27.42
N PRO A 231 -4.49 14.07 26.96
CA PRO A 231 -5.42 15.13 27.37
C PRO A 231 -6.75 15.13 26.60
N PHE A 232 -7.06 14.07 25.86
CA PHE A 232 -8.23 14.13 24.93
C PHE A 232 -9.46 13.41 25.49
N PHE A 233 -9.32 12.80 26.68
CA PHE A 233 -10.29 11.85 27.18
C PHE A 233 -11.23 12.44 28.23
N GLU A 234 -11.12 13.75 28.52
CA GLU A 234 -11.82 14.43 29.61
C GLU A 234 -13.34 14.17 29.59
N ASN A 235 -14.00 14.19 28.41
CA ASN A 235 -15.47 14.14 28.38
C ASN A 235 -15.95 12.89 27.66
N LEU A 236 -15.18 11.82 27.78
CA LEU A 236 -15.48 10.53 27.19
C LEU A 236 -15.82 9.54 28.29
N ASP A 237 -16.87 8.77 28.07
CA ASP A 237 -17.24 7.72 28.97
C ASP A 237 -16.57 6.45 28.46
N ILE A 238 -15.36 6.14 28.92
CA ILE A 238 -14.58 4.99 28.42
C ILE A 238 -14.89 3.77 29.29
N ASP A 239 -15.20 2.65 28.67
CA ASP A 239 -15.64 1.46 29.40
C ASP A 239 -14.42 0.69 29.93
N GLY A 240 -13.30 0.75 29.21
CA GLY A 240 -12.12 0.02 29.60
C GLY A 240 -10.97 0.22 28.64
N PHE A 241 -9.78 -0.18 29.10
CA PHE A 241 -8.58 -0.29 28.32
C PHE A 241 -8.17 -1.76 28.29
N GLU A 242 -7.61 -2.18 27.15
CA GLU A 242 -7.14 -3.52 26.96
C GLU A 242 -5.62 -3.45 26.76
N THR A 243 -4.86 -4.16 27.61
CA THR A 243 -3.40 -4.21 27.54
C THR A 243 -3.00 -5.48 26.80
N ILE A 244 -2.31 -5.34 25.67
CA ILE A 244 -1.92 -6.45 24.80
C ILE A 244 -0.41 -6.62 24.88
N SER A 245 0.01 -7.85 25.19
CA SER A 245 1.43 -8.20 25.18
C SER A 245 1.97 -8.15 23.74
N ASP A 246 3.27 -7.92 23.60
CA ASP A 246 3.92 -7.96 22.33
C ASP A 246 3.72 -9.35 21.71
N GLU A 247 3.86 -10.42 22.51
CA GLU A 247 3.70 -11.77 21.98
C GLU A 247 2.32 -11.93 21.31
N GLU A 248 1.27 -11.47 21.99
CA GLU A 248 -0.10 -11.65 21.49
C GLU A 248 -0.34 -10.73 20.27
N GLY A 249 0.12 -9.48 20.34
CA GLY A 249 -0.08 -8.52 19.26
C GLY A 249 0.63 -8.93 17.98
N PHE A 250 1.87 -9.39 18.08
CA PHE A 250 2.61 -9.84 16.92
C PHE A 250 2.01 -11.15 16.39
N SER A 251 1.53 -12.02 17.29
CA SER A 251 0.92 -13.27 16.88
C SER A 251 -0.29 -13.00 15.98
N TYR A 252 -1.10 -12.03 16.36
CA TYR A 252 -2.34 -11.76 15.60
C TYR A 252 -2.01 -10.95 14.34
N THR A 253 -0.95 -10.16 14.37
CA THR A 253 -0.44 -9.53 13.15
C THR A 253 -0.08 -10.60 12.11
N ARG A 254 0.61 -11.66 12.55
CA ARG A 254 0.98 -12.76 11.64
C ARG A 254 -0.28 -13.52 11.17
N LYS A 255 -1.25 -13.75 12.05
CA LYS A 255 -2.48 -14.44 11.69
C LYS A 255 -3.29 -13.65 10.65
N LEU A 256 -3.35 -12.32 10.79
CA LEU A 256 -4.09 -11.49 9.84
C LEU A 256 -3.53 -11.64 8.42
N ALA A 257 -2.21 -11.76 8.29
CA ALA A 257 -1.56 -11.98 7.00
C ALA A 257 -1.84 -13.41 6.49
N LYS A 258 -1.51 -14.42 7.32
CA LYS A 258 -1.58 -15.84 6.96
C LYS A 258 -3.02 -16.28 6.68
N LYS A 259 -3.96 -15.84 7.52
CA LYS A 259 -5.34 -16.33 7.43
C LYS A 259 -6.19 -15.42 6.53
N ASN A 260 -5.91 -14.11 6.46
CA ASN A 260 -6.84 -13.16 5.86
C ASN A 260 -6.22 -12.37 4.70
N GLY A 261 -4.91 -12.46 4.51
CA GLY A 261 -4.18 -11.68 3.49
C GLY A 261 -4.10 -10.19 3.80
N LEU A 262 -4.26 -9.83 5.08
CA LEU A 262 -4.14 -8.46 5.51
C LEU A 262 -2.69 -8.22 5.96
N LEU A 263 -2.02 -7.27 5.31
CA LEU A 263 -0.64 -6.93 5.60
C LEU A 263 -0.57 -5.63 6.41
N VAL A 264 -0.83 -5.77 7.71
CA VAL A 264 -1.03 -4.63 8.58
C VAL A 264 0.05 -4.62 9.66
N GLY A 265 0.26 -3.44 10.26
CA GLY A 265 1.28 -3.26 11.32
C GLY A 265 0.90 -3.95 12.61
N SER A 266 1.85 -4.00 13.56
CA SER A 266 1.65 -4.62 14.86
C SER A 266 0.53 -3.91 15.65
N SER A 267 0.29 -2.62 15.42
CA SER A 267 -0.77 -1.91 16.16
C SER A 267 -2.15 -2.36 15.67
N SER A 268 -2.26 -2.83 14.43
CA SER A 268 -3.46 -3.48 13.90
C SER A 268 -3.69 -4.84 14.55
N GLY A 269 -2.65 -5.67 14.64
CA GLY A 269 -2.76 -6.95 15.33
C GLY A 269 -3.20 -6.75 16.78
N ALA A 270 -2.66 -5.72 17.44
CA ALA A 270 -2.99 -5.45 18.83
C ALA A 270 -4.47 -5.05 18.94
N ALA A 271 -4.91 -4.12 18.10
CA ALA A 271 -6.30 -3.70 18.04
C ALA A 271 -7.21 -4.88 17.79
N PHE A 272 -6.83 -5.73 16.84
CA PHE A 272 -7.64 -6.87 16.50
C PHE A 272 -7.81 -7.84 17.68
N VAL A 273 -6.73 -8.18 18.40
CA VAL A 273 -6.85 -9.10 19.54
C VAL A 273 -7.76 -8.47 20.60
N ALA A 274 -7.65 -7.17 20.82
CA ALA A 274 -8.50 -6.47 21.76
C ALA A 274 -9.97 -6.56 21.32
N ALA A 275 -10.20 -6.45 20.01
CA ALA A 275 -11.55 -6.54 19.48
C ALA A 275 -12.08 -7.96 19.66
N LEU A 276 -11.23 -8.97 19.50
CA LEU A 276 -11.61 -10.36 19.67
C LEU A 276 -12.01 -10.63 21.12
N LYS A 277 -11.25 -10.10 22.08
CA LYS A 277 -11.57 -10.19 23.50
C LYS A 277 -12.89 -9.50 23.83
N GLU A 278 -13.11 -8.32 23.23
CA GLU A 278 -14.36 -7.62 23.42
C GLU A 278 -15.53 -8.43 22.81
N ALA A 279 -15.40 -8.91 21.57
CA ALA A 279 -16.50 -9.70 20.95
C ALA A 279 -16.84 -10.92 21.82
N GLN A 280 -15.81 -11.53 22.40
CA GLN A 280 -15.98 -12.77 23.15
C GLN A 280 -16.72 -12.51 24.47
N ARG A 281 -16.71 -11.28 24.99
CA ARG A 281 -17.36 -10.99 26.26
C ARG A 281 -18.77 -10.41 26.03
N LEU A 282 -19.19 -10.19 24.79
CA LEU A 282 -20.50 -9.56 24.51
C LEU A 282 -21.51 -10.61 24.05
N PRO A 283 -22.84 -10.34 24.16
CA PRO A 283 -23.87 -11.29 23.73
C PRO A 283 -23.76 -11.66 22.24
N GLU A 284 -24.26 -12.83 21.86
CA GLU A 284 -24.37 -13.18 20.46
C GLU A 284 -25.09 -12.04 19.74
N GLY A 285 -24.69 -11.77 18.50
CA GLY A 285 -25.27 -10.72 17.70
C GLY A 285 -24.58 -9.37 17.90
N SER A 286 -23.53 -9.29 18.71
CA SER A 286 -22.85 -8.01 18.92
C SER A 286 -21.94 -7.64 17.74
N GLN A 287 -21.81 -6.33 17.46
CA GLN A 287 -21.04 -5.83 16.32
C GLN A 287 -19.93 -4.92 16.86
N VAL A 288 -18.67 -5.33 16.65
CA VAL A 288 -17.51 -4.62 17.23
C VAL A 288 -16.74 -3.93 16.11
N LEU A 289 -16.53 -2.62 16.23
CA LEU A 289 -15.77 -1.87 15.24
C LEU A 289 -14.34 -1.68 15.75
N THR A 290 -13.35 -1.89 14.88
CA THR A 290 -11.95 -1.51 15.18
C THR A 290 -11.34 -0.80 13.94
N ILE A 291 -10.12 -0.31 14.11
CA ILE A 291 -9.38 0.37 13.09
C ILE A 291 -8.02 -0.30 12.98
N PHE A 292 -7.61 -0.60 11.75
CA PHE A 292 -6.27 -1.06 11.42
C PHE A 292 -5.46 0.12 10.91
N PRO A 293 -4.57 0.72 11.73
CA PRO A 293 -3.97 2.00 11.38
C PRO A 293 -2.98 2.07 10.20
N ASP A 294 -2.11 1.06 9.99
CA ASP A 294 -1.05 1.22 9.00
C ASP A 294 -0.61 -0.12 8.42
N VAL A 295 0.21 -0.02 7.36
CA VAL A 295 0.70 -1.13 6.56
C VAL A 295 1.89 -1.80 7.23
N ALA A 296 2.01 -3.12 7.02
CA ALA A 296 3.10 -3.93 7.58
C ALA A 296 4.45 -3.61 6.93
N ASP A 297 4.44 -3.15 5.68
CA ASP A 297 5.63 -3.04 4.82
C ASP A 297 6.74 -2.21 5.47
N ARG A 298 6.37 -1.21 6.27
CA ARG A 298 7.38 -0.33 6.85
C ARG A 298 8.06 -0.99 8.06
N TYR A 299 7.71 -2.25 8.39
CA TYR A 299 8.27 -2.92 9.53
C TYR A 299 8.94 -4.24 9.14
N LEU A 300 9.14 -4.50 7.85
CA LEU A 300 9.75 -5.76 7.44
C LEU A 300 11.21 -5.85 7.90
N SER A 301 11.93 -4.71 7.97
CA SER A 301 13.34 -4.70 8.46
C SER A 301 13.41 -5.04 9.96
N LYS A 302 12.29 -4.93 10.67
CA LYS A 302 12.23 -5.21 12.09
C LYS A 302 11.65 -6.60 12.35
N GLY A 303 11.47 -7.42 11.32
CA GLY A 303 11.04 -8.79 11.53
C GLY A 303 9.59 -8.90 11.98
N ILE A 304 8.76 -7.95 11.54
CA ILE A 304 7.35 -7.95 11.89
C ILE A 304 6.76 -9.37 11.73
N TYR A 305 7.14 -10.11 10.67
CA TYR A 305 6.53 -11.42 10.38
C TYR A 305 7.40 -12.61 10.84
N LEU A 306 8.35 -12.42 11.76
CA LEU A 306 9.07 -13.55 12.40
C LEU A 306 8.43 -13.88 13.76
N MET B 1 -16.93 3.22 0.99
CA MET B 1 -16.39 2.19 0.06
C MET B 1 -17.29 0.95 0.11
N MET B 2 -17.00 -0.01 0.99
CA MET B 2 -17.56 -1.36 0.87
C MET B 2 -17.16 -2.23 2.08
N ILE B 3 -18.04 -3.18 2.43
CA ILE B 3 -17.76 -4.18 3.41
C ILE B 3 -17.30 -5.44 2.63
N ILE B 4 -16.12 -5.94 2.97
CA ILE B 4 -15.54 -7.12 2.31
C ILE B 4 -15.23 -8.22 3.33
N THR B 5 -15.26 -9.47 2.86
CA THR B 5 -14.97 -10.65 3.69
C THR B 5 -13.79 -11.42 3.10
N THR B 6 -13.19 -10.89 2.03
CA THR B 6 -11.99 -11.41 1.44
C THR B 6 -11.24 -10.24 0.79
N MET B 7 -9.91 -10.23 0.90
CA MET B 7 -9.10 -9.24 0.30
C MET B 7 -9.14 -9.34 -1.23
N GLN B 8 -9.55 -10.50 -1.75
CA GLN B 8 -9.82 -10.64 -3.19
C GLN B 8 -10.85 -9.64 -3.67
N ASP B 9 -11.81 -9.29 -2.82
CA ASP B 9 -12.88 -8.37 -3.17
C ASP B 9 -12.31 -6.96 -3.40
N ALA B 10 -11.08 -6.68 -2.96
CA ALA B 10 -10.50 -5.36 -3.09
C ALA B 10 -9.56 -5.25 -4.30
N ILE B 11 -9.41 -6.32 -5.10
CA ILE B 11 -8.51 -6.33 -6.28
C ILE B 11 -9.16 -5.53 -7.41
N GLY B 12 -8.36 -4.72 -8.10
CA GLY B 12 -8.82 -3.97 -9.24
C GLY B 12 -9.56 -2.70 -8.88
N ARG B 13 -10.26 -2.17 -9.90
CA ARG B 13 -10.98 -0.89 -9.84
C ARG B 13 -10.00 0.18 -9.31
N THR B 14 -8.82 0.23 -9.89
CA THR B 14 -7.81 1.18 -9.44
C THR B 14 -7.99 2.54 -10.12
N PRO B 15 -7.54 3.63 -9.49
CA PRO B 15 -7.62 4.95 -10.13
C PRO B 15 -6.56 5.15 -11.23
N VAL B 16 -6.73 6.23 -11.96
CA VAL B 16 -5.81 6.65 -12.98
C VAL B 16 -5.32 8.06 -12.60
N PHE B 17 -4.00 8.25 -12.61
CA PHE B 17 -3.41 9.53 -12.39
C PHE B 17 -3.25 10.25 -13.72
N LYS B 18 -3.67 11.51 -13.79
CA LYS B 18 -3.56 12.32 -15.00
C LYS B 18 -2.45 13.37 -14.84
N PHE B 19 -1.46 13.31 -15.74
CA PHE B 19 -0.37 14.25 -15.84
C PHE B 19 -0.53 15.15 -17.06
N THR B 20 -0.28 16.46 -16.92
CA THR B 20 -0.30 17.38 -18.07
C THR B 20 1.01 18.19 -18.12
N ASN B 21 1.09 19.11 -19.06
CA ASN B 21 2.22 20.02 -19.22
C ASN B 21 2.37 20.95 -18.00
N LYS B 22 1.43 20.94 -17.06
CA LYS B 22 1.55 21.68 -15.78
C LYS B 22 2.41 20.89 -14.77
N ASP B 23 2.66 19.62 -15.03
CA ASP B 23 3.38 18.69 -14.12
C ASP B 23 4.79 18.42 -14.63
N TYR B 24 4.89 18.15 -15.93
CA TYR B 24 6.11 17.71 -16.60
C TYR B 24 6.15 18.31 -18.01
N PRO B 25 7.34 18.47 -18.61
CA PRO B 25 7.46 18.97 -19.99
C PRO B 25 6.89 18.00 -21.04
N ILE B 26 5.61 18.22 -21.38
CA ILE B 26 4.71 17.43 -22.27
C ILE B 26 4.12 18.44 -23.27
N PRO B 27 3.84 18.12 -24.55
CA PRO B 27 3.24 19.12 -25.43
C PRO B 27 1.90 19.65 -24.89
N LEU B 28 1.56 20.86 -25.35
CA LEU B 28 0.34 21.54 -25.02
C LEU B 28 -0.84 20.61 -25.31
N ASN B 29 -1.72 20.46 -24.32
CA ASN B 29 -3.01 19.75 -24.39
C ASN B 29 -2.82 18.24 -24.46
N SER B 30 -1.57 17.77 -24.34
CA SER B 30 -1.31 16.36 -24.22
C SER B 30 -1.48 15.92 -22.77
N ALA B 31 -1.67 14.62 -22.57
CA ALA B 31 -1.77 14.10 -21.20
C ALA B 31 -1.20 12.69 -21.14
N ILE B 32 -0.67 12.35 -19.96
CA ILE B 32 -0.31 10.98 -19.64
C ILE B 32 -1.25 10.50 -18.53
N TYR B 33 -1.81 9.32 -18.74
CA TYR B 33 -2.66 8.64 -17.79
C TYR B 33 -1.93 7.39 -17.29
N ALA B 34 -1.71 7.31 -15.98
CA ALA B 34 -1.09 6.17 -15.39
C ALA B 34 -2.11 5.39 -14.57
N LYS B 35 -2.31 4.13 -14.95
CA LYS B 35 -3.17 3.24 -14.21
C LYS B 35 -2.41 2.81 -12.95
N LEU B 36 -2.94 3.12 -11.76
CA LEU B 36 -2.22 2.94 -10.47
C LEU B 36 -2.49 1.54 -9.88
N GLU B 37 -1.81 0.55 -10.44
CA GLU B 37 -1.97 -0.83 -10.08
C GLU B 37 -1.26 -1.15 -8.77
N HIS B 38 -0.41 -0.23 -8.30
CA HIS B 38 0.26 -0.38 -7.02
C HIS B 38 -0.73 -0.30 -5.87
N LEU B 39 -1.96 0.17 -6.13
CA LEU B 39 -2.94 0.33 -5.06
C LEU B 39 -3.78 -0.92 -4.86
N ASN B 40 -3.48 -1.99 -5.60
CA ASN B 40 -4.03 -3.31 -5.33
C ASN B 40 -3.66 -3.76 -3.93
N PRO B 41 -4.47 -4.64 -3.29
CA PRO B 41 -4.20 -5.08 -1.93
C PRO B 41 -2.90 -5.86 -1.72
N GLY B 42 -2.40 -6.50 -2.79
CA GLY B 42 -1.12 -7.17 -2.73
C GLY B 42 0.02 -6.24 -3.12
N GLY B 43 -0.31 -5.02 -3.52
CA GLY B 43 0.66 -3.99 -3.80
C GLY B 43 1.18 -3.99 -5.23
N SER B 44 0.60 -4.82 -6.13
CA SER B 44 0.98 -4.80 -7.53
C SER B 44 -0.16 -5.21 -8.48
N VAL B 45 0.08 -4.91 -9.76
CA VAL B 45 -0.73 -5.33 -10.89
C VAL B 45 -0.93 -6.85 -10.89
N1 LLP B 46 6.79 -4.22 -12.89
C2 LLP B 46 6.75 -4.93 -11.75
C2' LLP B 46 7.08 -4.28 -10.43
C3 LLP B 46 6.35 -6.36 -11.81
O3 LLP B 46 6.32 -7.12 -10.69
C4 LLP B 46 6.07 -6.97 -13.12
C4' LLP B 46 5.77 -8.45 -13.26
C5 LLP B 46 6.19 -6.07 -14.30
C6 LLP B 46 6.53 -4.74 -14.09
C5' LLP B 46 5.94 -6.59 -15.70
OP4 LLP B 46 4.59 -7.11 -15.91
P LLP B 46 4.54 -8.39 -16.93
OP1 LLP B 46 5.33 -7.90 -18.13
OP2 LLP B 46 5.29 -9.53 -16.29
OP3 LLP B 46 3.04 -8.60 -17.13
N LLP B 46 0.02 -7.62 -10.35
CA LLP B 46 -0.09 -9.06 -10.46
CB LLP B 46 1.16 -9.80 -9.99
CG LLP B 46 2.42 -9.36 -10.74
CD LLP B 46 2.27 -9.58 -12.25
CE LLP B 46 3.55 -9.71 -13.07
NZ LLP B 46 4.63 -8.90 -12.50
C LLP B 46 -1.26 -9.65 -9.69
O LLP B 46 -1.62 -10.80 -9.95
N ASP B 47 -1.82 -8.91 -8.73
CA ASP B 47 -3.06 -9.34 -8.06
C ASP B 47 -4.12 -9.80 -9.06
N ARG B 48 -4.21 -9.12 -10.20
CA ARG B 48 -5.23 -9.48 -11.22
C ARG B 48 -4.88 -10.83 -11.85
N LEU B 49 -3.58 -11.05 -12.06
CA LEU B 49 -3.08 -12.29 -12.67
C LEU B 49 -3.37 -13.46 -11.73
N GLY B 50 -3.07 -13.26 -10.44
CA GLY B 50 -3.26 -14.30 -9.44
C GLY B 50 -4.70 -14.73 -9.38
N GLN B 51 -5.59 -13.72 -9.40
CA GLN B 51 -6.98 -13.97 -9.25
C GLN B 51 -7.49 -14.75 -10.47
N TYR B 52 -7.02 -14.35 -11.66
CA TYR B 52 -7.45 -14.94 -12.90
C TYR B 52 -6.94 -16.38 -13.03
N LEU B 53 -5.65 -16.61 -12.73
CA LEU B 53 -5.03 -17.94 -12.93
C LEU B 53 -5.71 -18.99 -12.03
N ILE B 54 -5.94 -18.64 -10.76
CA ILE B 54 -6.54 -19.55 -9.80
C ILE B 54 -8.03 -19.78 -10.15
N GLY B 55 -8.74 -18.71 -10.49
CA GLY B 55 -10.16 -18.77 -10.89
C GLY B 55 -10.39 -19.66 -12.08
N GLU B 56 -9.61 -19.48 -13.14
CA GLU B 56 -9.72 -20.27 -14.35
C GLU B 56 -9.25 -21.71 -14.10
N GLY B 57 -8.22 -21.87 -13.26
CA GLY B 57 -7.70 -23.18 -12.89
C GLY B 57 -8.76 -24.09 -12.28
N PHE B 58 -9.55 -23.52 -11.36
CA PHE B 58 -10.70 -24.24 -10.78
C PHE B 58 -11.73 -24.59 -11.86
N LYS B 59 -11.92 -23.74 -12.86
CA LYS B 59 -12.96 -23.99 -13.90
C LYS B 59 -12.51 -25.08 -14.88
N THR B 60 -11.23 -25.09 -15.24
CA THR B 60 -10.67 -26.05 -16.18
C THR B 60 -10.33 -27.38 -15.50
N GLY B 61 -10.30 -27.40 -14.17
CA GLY B 61 -9.88 -28.61 -13.44
C GLY B 61 -8.36 -28.76 -13.35
N LYS B 62 -7.61 -27.73 -13.75
CA LYS B 62 -6.17 -27.71 -13.55
C LYS B 62 -5.84 -27.47 -12.07
N ILE B 63 -6.74 -26.82 -11.34
CA ILE B 63 -6.57 -26.65 -9.88
C ILE B 63 -7.74 -27.32 -9.17
N THR B 64 -7.41 -28.11 -8.15
CA THR B 64 -8.43 -28.66 -7.24
C THR B 64 -7.98 -28.37 -5.80
N SER B 65 -8.79 -28.87 -4.85
CA SER B 65 -8.55 -28.72 -3.41
C SER B 65 -7.20 -29.35 -3.02
N LYS B 66 -6.75 -30.32 -3.82
CA LYS B 66 -5.53 -31.08 -3.56
C LYS B 66 -4.27 -30.35 -4.04
N THR B 67 -4.38 -29.24 -4.77
CA THR B 67 -3.30 -28.74 -5.61
C THR B 67 -2.29 -27.90 -4.81
N THR B 68 -1.01 -28.10 -5.10
CA THR B 68 0.09 -27.22 -4.69
C THR B 68 0.51 -26.40 -5.90
N ILE B 69 0.45 -25.06 -5.79
CA ILE B 69 0.84 -24.16 -6.85
C ILE B 69 2.34 -23.88 -6.72
N ILE B 70 3.06 -24.11 -7.82
CA ILE B 70 4.49 -23.85 -7.92
C ILE B 70 4.73 -22.85 -9.06
N GLU B 71 5.45 -21.77 -8.77
CA GLU B 71 5.68 -20.72 -9.77
C GLU B 71 7.04 -20.06 -9.54
N PRO B 72 7.86 -19.90 -10.61
CA PRO B 72 9.02 -19.01 -10.56
C PRO B 72 8.58 -17.54 -10.63
N THR B 73 9.17 -16.67 -9.82
CA THR B 73 8.72 -15.27 -9.79
C THR B 73 9.85 -14.38 -9.26
N ALA B 74 9.83 -13.11 -9.67
CA ALA B 74 10.67 -12.03 -9.10
C ALA B 74 10.07 -11.53 -7.78
N GLY B 75 8.83 -11.90 -7.47
CA GLY B 75 8.23 -11.56 -6.20
C GLY B 75 6.74 -11.33 -6.26
N ASN B 76 6.31 -10.42 -7.14
CA ASN B 76 4.94 -9.90 -7.11
C ASN B 76 3.94 -10.98 -7.51
N THR B 77 4.31 -11.85 -8.47
CA THR B 77 3.38 -12.88 -8.88
C THR B 77 3.17 -13.84 -7.69
N GLY B 78 4.25 -14.13 -6.95
CA GLY B 78 4.21 -14.89 -5.75
C GLY B 78 3.27 -14.32 -4.70
N ILE B 79 3.37 -13.02 -4.45
CA ILE B 79 2.51 -12.36 -3.48
C ILE B 79 1.05 -12.54 -3.91
N ALA B 80 0.77 -12.30 -5.20
CA ALA B 80 -0.60 -12.30 -5.72
C ALA B 80 -1.18 -13.71 -5.62
N LEU B 81 -0.38 -14.73 -5.98
CA LEU B 81 -0.86 -16.08 -5.93
C LEU B 81 -1.09 -16.51 -4.48
N ALA B 82 -0.18 -16.15 -3.58
CA ALA B 82 -0.29 -16.53 -2.17
C ALA B 82 -1.55 -15.88 -1.58
N LEU B 83 -1.78 -14.62 -1.92
CA LEU B 83 -2.94 -13.84 -1.40
C LEU B 83 -4.25 -14.52 -1.85
N VAL B 84 -4.34 -14.88 -3.14
CA VAL B 84 -5.56 -15.44 -3.70
C VAL B 84 -5.73 -16.89 -3.22
N ALA B 85 -4.62 -17.60 -3.00
CA ALA B 85 -4.65 -19.01 -2.55
C ALA B 85 -5.33 -19.18 -1.19
N ILE B 86 -5.30 -18.12 -0.38
CA ILE B 86 -5.82 -18.17 0.97
C ILE B 86 -7.29 -18.63 1.00
N LYS B 87 -8.13 -18.07 0.15
CA LYS B 87 -9.58 -18.37 0.19
C LYS B 87 -9.80 -19.89 0.09
N HIS B 88 -9.04 -20.57 -0.78
CA HIS B 88 -9.20 -22.02 -0.98
C HIS B 88 -8.15 -22.85 -0.25
N HIS B 89 -7.38 -22.22 0.64
CA HIS B 89 -6.37 -22.87 1.47
C HIS B 89 -5.39 -23.68 0.62
N LEU B 90 -5.00 -23.13 -0.54
CA LEU B 90 -4.02 -23.79 -1.39
C LEU B 90 -2.60 -23.52 -0.88
N LYS B 91 -1.78 -24.57 -0.90
CA LYS B 91 -0.33 -24.48 -0.65
C LYS B 91 0.38 -23.94 -1.89
N THR B 92 1.43 -23.15 -1.66
CA THR B 92 2.17 -22.47 -2.70
C THR B 92 3.67 -22.61 -2.44
N ILE B 93 4.44 -22.76 -3.53
CA ILE B 93 5.89 -22.79 -3.49
C ILE B 93 6.38 -21.81 -4.55
N PHE B 94 7.19 -20.81 -4.15
CA PHE B 94 7.71 -19.87 -5.12
C PHE B 94 9.24 -19.99 -5.20
N VAL B 95 9.73 -19.98 -6.45
CA VAL B 95 11.16 -20.08 -6.73
C VAL B 95 11.61 -18.71 -7.19
N VAL B 96 12.48 -18.10 -6.38
CA VAL B 96 12.84 -16.70 -6.50
C VAL B 96 14.35 -16.60 -6.58
N PRO B 97 14.92 -15.97 -7.62
CA PRO B 97 16.36 -15.73 -7.67
C PRO B 97 16.74 -14.83 -6.49
N GLU B 98 17.88 -15.12 -5.86
CA GLU B 98 18.11 -14.78 -4.45
C GLU B 98 17.97 -13.27 -4.15
N LYS B 99 18.54 -12.39 -4.97
CA LYS B 99 18.72 -10.99 -4.54
C LYS B 99 17.58 -10.12 -5.08
N PHE B 100 16.50 -10.73 -5.59
CA PHE B 100 15.26 -10.00 -5.80
C PHE B 100 14.69 -9.68 -4.41
N SER B 101 13.98 -8.56 -4.34
CA SER B 101 13.49 -7.93 -3.13
C SER B 101 13.31 -8.96 -2.00
N THR B 102 14.08 -8.79 -0.92
CA THR B 102 13.89 -9.57 0.33
C THR B 102 12.51 -9.25 0.94
N GLU B 103 12.06 -8.01 0.85
CA GLU B 103 10.70 -7.63 1.33
C GLU B 103 9.61 -8.52 0.69
N LYS B 104 9.66 -8.70 -0.62
CA LYS B 104 8.67 -9.50 -1.29
C LYS B 104 8.70 -10.93 -0.81
N GLN B 105 9.90 -11.46 -0.53
CA GLN B 105 10.01 -12.81 -0.04
C GLN B 105 9.44 -12.94 1.37
N GLN B 106 9.69 -11.94 2.23
CA GLN B 106 9.13 -11.91 3.57
C GLN B 106 7.59 -11.95 3.50
N ILE B 107 7.02 -11.20 2.55
CA ILE B 107 5.57 -11.06 2.43
C ILE B 107 4.99 -12.39 1.94
N MET B 108 5.66 -13.02 0.96
CA MET B 108 5.24 -14.33 0.47
C MET B 108 5.17 -15.33 1.63
N ARG B 109 6.20 -15.39 2.47
CA ARG B 109 6.24 -16.30 3.61
C ARG B 109 5.15 -15.90 4.62
N ALA B 110 4.99 -14.60 4.86
CA ALA B 110 3.90 -14.11 5.77
C ALA B 110 2.52 -14.61 5.30
N LEU B 111 2.30 -14.74 3.98
CA LEU B 111 1.02 -15.20 3.42
C LEU B 111 0.88 -16.74 3.38
N GLY B 112 1.91 -17.46 3.80
CA GLY B 112 1.87 -18.92 3.95
C GLY B 112 2.65 -19.68 2.87
N ALA B 113 3.34 -18.96 1.98
CA ALA B 113 4.10 -19.61 0.89
C ALA B 113 5.46 -20.14 1.38
N LEU B 114 5.92 -21.21 0.75
CA LEU B 114 7.32 -21.66 0.81
C LEU B 114 8.11 -20.89 -0.27
N VAL B 115 9.27 -20.33 0.08
CA VAL B 115 10.13 -19.61 -0.87
C VAL B 115 11.45 -20.36 -0.99
N ILE B 116 11.78 -20.80 -2.21
CA ILE B 116 13.06 -21.45 -2.51
C ILE B 116 13.87 -20.53 -3.43
N ASN B 117 15.13 -20.27 -3.10
CA ASN B 117 15.97 -19.35 -3.88
C ASN B 117 16.86 -20.12 -4.87
N THR B 118 17.10 -19.49 -6.02
CA THR B 118 18.08 -19.91 -7.03
C THR B 118 19.11 -18.81 -7.20
N PRO B 119 20.29 -19.07 -7.83
CA PRO B 119 21.30 -18.01 -7.93
C PRO B 119 20.80 -16.86 -8.85
N THR B 120 21.16 -15.63 -8.46
CA THR B 120 20.84 -14.42 -9.16
C THR B 120 21.34 -14.43 -10.60
N SER B 121 22.49 -15.04 -10.85
CA SER B 121 23.14 -15.02 -12.16
C SER B 121 22.48 -16.01 -13.15
N GLU B 122 21.69 -16.99 -12.67
CA GLU B 122 20.88 -17.84 -13.58
C GLU B 122 19.54 -17.14 -13.91
N GLY B 123 19.28 -16.02 -13.22
CA GLY B 123 18.12 -15.17 -13.45
C GLY B 123 16.80 -15.91 -13.29
N ILE B 124 15.79 -15.40 -14.02
CA ILE B 124 14.49 -15.99 -14.04
C ILE B 124 14.52 -17.35 -14.74
N SER B 125 15.37 -17.53 -15.75
CA SER B 125 15.45 -18.83 -16.47
C SER B 125 15.80 -19.98 -15.51
N GLY B 126 16.70 -19.70 -14.57
CA GLY B 126 17.15 -20.71 -13.58
C GLY B 126 16.02 -21.04 -12.61
N ALA B 127 15.24 -20.02 -12.24
CA ALA B 127 14.04 -20.19 -11.41
C ALA B 127 13.02 -21.08 -12.13
N ILE B 128 12.82 -20.86 -13.45
CA ILE B 128 11.89 -21.66 -14.24
C ILE B 128 12.32 -23.13 -14.21
N LYS B 129 13.60 -23.39 -14.50
CA LYS B 129 14.09 -24.76 -14.49
C LYS B 129 13.83 -25.42 -13.13
N LYS B 130 14.15 -24.72 -12.05
CA LYS B 130 14.03 -25.30 -10.71
C LYS B 130 12.55 -25.58 -10.40
N SER B 131 11.66 -24.63 -10.75
CA SER B 131 10.22 -24.83 -10.55
C SER B 131 9.74 -26.11 -11.26
N LYS B 132 10.23 -26.35 -12.48
CA LYS B 132 9.85 -27.56 -13.25
C LYS B 132 10.27 -28.85 -12.52
N GLU B 133 11.45 -28.83 -11.89
CA GLU B 133 12.00 -29.99 -11.12
C GLU B 133 11.09 -30.34 -9.93
N LEU B 134 10.68 -29.31 -9.20
CA LEU B 134 9.83 -29.49 -8.03
C LEU B 134 8.49 -30.14 -8.43
N ALA B 135 7.90 -29.68 -9.55
CA ALA B 135 6.55 -30.08 -9.99
C ALA B 135 6.50 -31.58 -10.29
N GLU B 136 7.57 -32.10 -10.89
CA GLU B 136 7.69 -33.52 -11.20
C GLU B 136 7.74 -34.33 -9.90
N SER B 137 8.27 -33.75 -8.82
CA SER B 137 8.49 -34.47 -7.55
C SER B 137 7.37 -34.23 -6.52
N ILE B 138 6.37 -33.39 -6.86
CA ILE B 138 5.26 -33.02 -5.96
C ILE B 138 3.92 -33.48 -6.58
N PRO B 139 3.18 -34.42 -5.94
CA PRO B 139 1.87 -34.86 -6.44
C PRO B 139 0.84 -33.72 -6.47
N ASP B 140 -0.01 -33.73 -7.49
CA ASP B 140 -1.11 -32.77 -7.68
C ASP B 140 -0.54 -31.35 -7.76
N SER B 141 0.59 -31.16 -8.44
CA SER B 141 1.19 -29.84 -8.56
C SER B 141 0.63 -29.13 -9.79
N TYR B 142 0.68 -27.81 -9.74
CA TYR B 142 0.26 -27.04 -10.83
C TYR B 142 1.24 -25.87 -11.01
N LEU B 143 1.73 -25.74 -12.24
CA LEU B 143 2.79 -24.86 -12.62
C LEU B 143 2.24 -23.88 -13.66
N PRO B 144 1.75 -22.69 -13.24
CA PRO B 144 1.13 -21.75 -14.18
C PRO B 144 2.06 -21.36 -15.35
N LEU B 145 3.36 -21.24 -15.06
CA LEU B 145 4.38 -20.79 -16.01
C LEU B 145 3.87 -19.53 -16.71
N GLN B 146 3.88 -18.43 -15.97
CA GLN B 146 3.41 -17.14 -16.42
C GLN B 146 4.20 -16.74 -17.67
N PHE B 147 5.47 -17.18 -17.73
CA PHE B 147 6.38 -16.76 -18.81
C PHE B 147 5.97 -17.33 -20.18
N GLU B 148 5.09 -18.34 -20.22
CA GLU B 148 4.63 -18.85 -21.50
C GLU B 148 3.11 -19.07 -21.56
N ASN B 149 2.37 -19.01 -20.45
CA ASN B 149 0.96 -19.41 -20.45
C ASN B 149 0.13 -18.29 -21.09
N PRO B 150 -0.64 -18.54 -22.16
CA PRO B 150 -1.48 -17.51 -22.76
C PRO B 150 -2.56 -16.95 -21.80
N ASP B 151 -2.82 -17.62 -20.68
CA ASP B 151 -3.75 -17.12 -19.67
C ASP B 151 -3.15 -15.90 -18.95
N ASN B 152 -1.84 -15.70 -19.04
CA ASN B 152 -1.20 -14.52 -18.51
C ASN B 152 -1.75 -13.28 -19.22
N PRO B 153 -1.48 -13.02 -20.51
CA PRO B 153 -2.07 -11.87 -21.20
C PRO B 153 -3.62 -11.87 -21.11
N ALA B 154 -4.25 -13.05 -21.14
CA ALA B 154 -5.73 -13.11 -21.11
C ALA B 154 -6.25 -12.50 -19.81
N ALA B 155 -5.53 -12.68 -18.70
CA ALA B 155 -5.96 -12.08 -17.41
C ALA B 155 -6.18 -10.57 -17.57
N TYR B 156 -5.24 -9.92 -18.25
CA TYR B 156 -5.30 -8.43 -18.36
C TYR B 156 -6.33 -8.02 -19.40
N TYR B 157 -6.40 -8.79 -20.49
CA TYR B 157 -7.41 -8.62 -21.52
C TYR B 157 -8.81 -8.55 -20.90
N HIS B 158 -9.09 -9.40 -19.90
CA HIS B 158 -10.42 -9.59 -19.32
C HIS B 158 -10.69 -8.68 -18.11
N THR B 159 -9.65 -8.07 -17.47
CA THR B 159 -9.84 -7.36 -16.18
C THR B 159 -9.40 -5.89 -16.33
N LEU B 160 -8.08 -5.72 -16.42
CA LEU B 160 -7.44 -4.38 -16.48
C LEU B 160 -7.83 -3.58 -17.73
N ALA B 161 -7.79 -4.19 -18.91
CA ALA B 161 -8.02 -3.42 -20.15
C ALA B 161 -9.44 -2.85 -20.20
N PRO B 162 -10.50 -3.62 -19.87
CA PRO B 162 -11.85 -3.08 -19.87
C PRO B 162 -11.99 -1.88 -18.90
N GLU B 163 -11.32 -1.94 -17.75
CA GLU B 163 -11.40 -0.84 -16.75
C GLU B 163 -10.89 0.45 -17.40
N ILE B 164 -9.78 0.35 -18.14
CA ILE B 164 -9.18 1.52 -18.81
C ILE B 164 -10.18 2.16 -19.78
N VAL B 165 -10.83 1.35 -20.58
CA VAL B 165 -11.68 1.89 -21.58
C VAL B 165 -12.94 2.45 -20.90
N GLN B 166 -13.36 1.84 -19.78
CA GLN B 166 -14.52 2.33 -19.04
C GLN B 166 -14.24 3.75 -18.52
N GLU B 167 -13.03 4.03 -18.07
CA GLU B 167 -12.70 5.35 -17.52
C GLU B 167 -12.27 6.33 -18.60
N LEU B 168 -11.48 5.89 -19.58
CA LEU B 168 -10.83 6.80 -20.51
C LEU B 168 -11.50 6.84 -21.89
N GLY B 169 -12.34 5.86 -22.21
CA GLY B 169 -12.96 5.76 -23.55
C GLY B 169 -11.96 5.29 -24.57
N THR B 170 -12.20 5.66 -25.83
CA THR B 170 -11.37 5.24 -26.94
C THR B 170 -10.43 6.35 -27.40
N ASN B 171 -10.31 7.43 -26.64
CA ASN B 171 -9.48 8.63 -26.98
C ASN B 171 -8.04 8.43 -26.46
N LEU B 172 -7.38 7.38 -26.97
CA LEU B 172 -5.98 7.14 -26.61
C LEU B 172 -5.10 7.10 -27.87
N THR B 173 -3.94 7.75 -27.78
CA THR B 173 -3.01 7.84 -28.85
C THR B 173 -1.99 6.70 -28.77
N SER B 174 -1.59 6.38 -27.54
CA SER B 174 -0.49 5.47 -27.32
C SER B 174 -0.68 4.72 -25.99
N PHE B 175 -0.18 3.48 -25.96
CA PHE B 175 -0.07 2.65 -24.79
C PHE B 175 1.41 2.26 -24.60
N VAL B 176 1.96 2.58 -23.44
CA VAL B 176 3.35 2.42 -23.10
C VAL B 176 3.40 1.63 -21.81
N ALA B 177 4.09 0.48 -21.77
CA ALA B 177 4.07 -0.36 -20.58
C ALA B 177 5.35 -1.19 -20.51
N GLY B 178 5.86 -1.31 -19.27
CA GLY B 178 7.02 -2.17 -18.97
C GLY B 178 6.70 -3.62 -19.24
N ILE B 179 7.76 -4.36 -19.65
CA ILE B 179 7.70 -5.76 -19.97
C ILE B 179 8.66 -6.51 -19.06
N GLY B 180 8.10 -7.49 -18.33
CA GLY B 180 8.79 -8.59 -17.71
C GLY B 180 8.46 -9.88 -18.41
N SER B 181 7.36 -10.53 -18.01
CA SER B 181 6.80 -11.65 -18.74
C SER B 181 6.20 -11.21 -20.08
N GLY B 182 5.73 -9.97 -20.13
CA GLY B 182 5.05 -9.44 -21.30
C GLY B 182 3.53 -9.55 -21.26
N GLY B 183 2.96 -10.18 -20.21
CA GLY B 183 1.52 -10.43 -20.13
C GLY B 183 0.70 -9.14 -20.05
N THR B 184 1.09 -8.23 -19.15
CA THR B 184 0.33 -6.97 -18.94
C THR B 184 0.26 -6.20 -20.25
N PHE B 185 1.43 -6.04 -20.88
CA PHE B 185 1.54 -5.29 -22.12
C PHE B 185 0.73 -5.95 -23.24
N ALA B 186 0.91 -7.26 -23.43
CA ALA B 186 0.30 -7.95 -24.55
C ALA B 186 -1.22 -8.06 -24.39
N GLY B 187 -1.69 -8.41 -23.18
CA GLY B 187 -3.11 -8.58 -22.93
C GLY B 187 -3.90 -7.26 -23.06
N THR B 188 -3.33 -6.20 -22.47
CA THR B 188 -3.90 -4.88 -22.52
C THR B 188 -3.85 -4.35 -23.95
N ALA B 189 -2.73 -4.55 -24.65
CA ALA B 189 -2.54 -4.02 -26.01
C ALA B 189 -3.56 -4.65 -26.96
N ARG B 190 -3.76 -5.96 -26.83
CA ARG B 190 -4.73 -6.68 -27.68
C ARG B 190 -6.12 -6.05 -27.51
N TYR B 191 -6.54 -5.88 -26.28
CA TYR B 191 -7.88 -5.33 -26.00
C TYR B 191 -8.04 -3.90 -26.57
N LEU B 192 -7.02 -3.07 -26.35
CA LEU B 192 -7.04 -1.68 -26.85
C LEU B 192 -7.03 -1.63 -28.39
N LYS B 193 -6.24 -2.50 -29.01
CA LYS B 193 -6.13 -2.52 -30.46
C LYS B 193 -7.45 -2.92 -31.10
N GLU B 194 -8.22 -3.80 -30.45
CA GLU B 194 -9.53 -4.19 -30.95
C GLU B 194 -10.48 -3.00 -30.99
N ARG B 195 -10.41 -2.09 -30.01
CA ARG B 195 -11.29 -0.94 -29.92
C ARG B 195 -10.68 0.34 -30.48
N ILE B 196 -9.36 0.41 -30.58
CA ILE B 196 -8.65 1.62 -30.99
C ILE B 196 -7.55 1.20 -31.96
N PRO B 197 -7.90 0.81 -33.21
CA PRO B 197 -6.92 0.21 -34.14
C PRO B 197 -5.67 1.07 -34.38
N ALA B 198 -5.83 2.39 -34.32
CA ALA B 198 -4.74 3.32 -34.61
C ALA B 198 -3.82 3.56 -33.41
N ILE B 199 -4.11 3.00 -32.24
CA ILE B 199 -3.27 3.25 -31.05
C ILE B 199 -1.83 2.74 -31.30
N ARG B 200 -0.85 3.49 -30.78
CA ARG B 200 0.56 3.12 -30.84
C ARG B 200 0.90 2.26 -29.62
N LEU B 201 1.82 1.30 -29.81
CA LEU B 201 2.21 0.40 -28.73
C LEU B 201 3.72 0.47 -28.50
N ILE B 202 4.12 0.84 -27.29
CA ILE B 202 5.55 0.93 -26.89
C ILE B 202 5.78 0.08 -25.65
N GLY B 203 6.71 -0.87 -25.75
CA GLY B 203 7.12 -1.68 -24.63
C GLY B 203 8.37 -1.12 -23.99
N VAL B 204 8.52 -1.28 -22.69
CA VAL B 204 9.55 -0.58 -21.96
C VAL B 204 10.42 -1.63 -21.26
N GLU B 205 11.74 -1.49 -21.36
CA GLU B 205 12.69 -2.39 -20.72
C GLU B 205 13.82 -1.54 -20.14
N PRO B 206 14.53 -2.03 -19.10
CA PRO B 206 15.75 -1.40 -18.63
C PRO B 206 16.95 -1.78 -19.50
N GLU B 207 18.00 -0.96 -19.41
CA GLU B 207 19.30 -1.31 -19.97
C GLU B 207 19.70 -2.68 -19.43
N GLY B 208 20.27 -3.50 -20.29
CA GLY B 208 20.70 -4.86 -19.95
C GLY B 208 19.61 -5.89 -20.20
N SER B 209 18.45 -5.45 -20.73
CA SER B 209 17.45 -6.34 -21.30
C SER B 209 17.73 -6.45 -22.81
N ILE B 210 17.17 -7.47 -23.49
CA ILE B 210 17.56 -7.84 -24.86
C ILE B 210 16.53 -7.43 -25.93
N LEU B 211 15.40 -6.79 -25.60
CA LEU B 211 14.32 -6.60 -26.60
C LEU B 211 14.78 -5.74 -27.79
N ASN B 212 15.66 -4.76 -27.53
CA ASN B 212 16.26 -3.93 -28.62
C ASN B 212 17.62 -4.48 -29.05
N GLY B 213 17.88 -5.77 -28.81
CA GLY B 213 19.05 -6.45 -29.38
C GLY B 213 20.30 -6.32 -28.52
N GLY B 214 20.26 -5.51 -27.45
CA GLY B 214 21.44 -5.27 -26.61
C GLY B 214 21.90 -6.50 -25.85
N GLU B 215 23.10 -6.42 -25.27
CA GLU B 215 23.70 -7.50 -24.49
C GLU B 215 22.97 -7.67 -23.16
N PRO B 216 22.77 -8.90 -22.65
CA PRO B 216 22.08 -9.07 -21.37
C PRO B 216 23.03 -8.64 -20.23
N GLY B 217 22.48 -8.12 -19.14
CA GLY B 217 23.31 -7.64 -18.05
C GLY B 217 22.47 -7.23 -16.86
N PRO B 218 23.10 -7.04 -15.68
CA PRO B 218 22.37 -6.60 -14.49
C PRO B 218 21.81 -5.17 -14.66
N HIS B 219 20.73 -4.92 -13.93
CA HIS B 219 20.09 -3.61 -13.91
C HIS B 219 19.45 -3.45 -12.54
N GLU B 220 19.54 -2.25 -11.95
CA GLU B 220 18.89 -1.98 -10.66
C GLU B 220 17.36 -1.90 -10.82
N ILE B 221 16.86 -1.42 -11.96
CA ILE B 221 15.37 -1.38 -12.12
C ILE B 221 14.85 -2.81 -11.92
N GLU B 222 13.80 -2.98 -11.12
CA GLU B 222 13.32 -4.32 -10.77
C GLU B 222 11.89 -4.51 -11.29
N GLY B 223 11.66 -5.66 -11.93
CA GLY B 223 10.33 -6.08 -12.33
C GLY B 223 10.21 -6.18 -13.84
N ILE B 224 10.97 -5.35 -14.55
CA ILE B 224 10.95 -5.37 -16.01
C ILE B 224 12.33 -5.76 -16.50
N GLY B 225 12.38 -6.14 -17.78
CA GLY B 225 13.59 -6.74 -18.33
C GLY B 225 13.34 -8.17 -18.69
N VAL B 226 13.81 -8.59 -19.87
CA VAL B 226 13.65 -9.96 -20.28
C VAL B 226 15.03 -10.62 -20.52
N GLU B 227 15.04 -11.92 -20.29
CA GLU B 227 16.18 -12.78 -20.59
C GLU B 227 15.88 -13.62 -21.83
N PHE B 228 14.61 -13.63 -22.26
CA PHE B 228 14.17 -14.31 -23.51
C PHE B 228 12.99 -13.50 -24.08
N ILE B 229 12.82 -13.52 -25.41
CA ILE B 229 11.73 -12.76 -26.09
C ILE B 229 10.40 -13.41 -25.70
N PRO B 230 9.46 -12.66 -25.10
CA PRO B 230 8.16 -13.22 -24.70
C PRO B 230 7.41 -13.80 -25.88
N PRO B 231 6.69 -14.93 -25.72
CA PRO B 231 6.00 -15.56 -26.85
C PRO B 231 4.65 -14.91 -27.14
N PHE B 232 4.35 -13.78 -26.49
CA PHE B 232 3.00 -13.21 -26.47
C PHE B 232 2.84 -12.08 -27.49
N PHE B 233 3.91 -11.76 -28.22
CA PHE B 233 4.03 -10.61 -29.06
C PHE B 233 3.82 -10.93 -30.56
N GLU B 234 3.38 -12.14 -30.91
CA GLU B 234 3.42 -12.52 -32.35
C GLU B 234 2.33 -11.81 -33.16
N ASN B 235 1.11 -11.66 -32.64
CA ASN B 235 0.02 -11.04 -33.39
C ASN B 235 0.00 -9.52 -33.22
N LEU B 236 1.07 -8.92 -32.66
CA LEU B 236 0.99 -7.54 -32.18
C LEU B 236 1.85 -6.62 -33.06
N ASP B 237 1.27 -5.50 -33.46
CA ASP B 237 2.01 -4.48 -34.14
C ASP B 237 2.61 -3.54 -33.08
N ILE B 238 3.83 -3.84 -32.62
CA ILE B 238 4.54 -3.02 -31.65
C ILE B 238 5.34 -1.95 -32.41
N ASP B 239 5.19 -0.69 -32.00
CA ASP B 239 5.79 0.42 -32.71
C ASP B 239 7.26 0.57 -32.31
N GLY B 240 7.60 0.20 -31.07
CA GLY B 240 8.98 0.19 -30.62
C GLY B 240 9.08 -0.28 -29.18
N PHE B 241 10.32 -0.58 -28.78
CA PHE B 241 10.69 -0.73 -27.39
C PHE B 241 11.58 0.44 -26.99
N GLU B 242 11.39 0.90 -25.76
CA GLU B 242 12.12 1.99 -25.16
C GLU B 242 13.02 1.38 -24.06
N THR B 243 14.35 1.57 -24.18
CA THR B 243 15.31 1.10 -23.23
C THR B 243 15.63 2.25 -22.28
N ILE B 244 15.38 2.05 -20.98
CA ILE B 244 15.58 3.07 -19.95
C ILE B 244 16.77 2.68 -19.06
N SER B 245 17.68 3.62 -18.88
CA SER B 245 18.78 3.47 -17.98
C SER B 245 18.29 3.48 -16.53
N ASP B 246 19.06 2.82 -15.65
CA ASP B 246 18.81 2.82 -14.24
C ASP B 246 18.78 4.26 -13.72
N GLU B 247 19.72 5.08 -14.17
CA GLU B 247 19.83 6.44 -13.67
C GLU B 247 18.53 7.19 -13.95
N GLU B 248 18.02 7.07 -15.18
CA GLU B 248 16.84 7.81 -15.58
C GLU B 248 15.59 7.26 -14.88
N GLY B 249 15.49 5.94 -14.79
CA GLY B 249 14.35 5.27 -14.17
C GLY B 249 14.21 5.61 -12.70
N PHE B 250 15.32 5.58 -11.96
CA PHE B 250 15.29 5.91 -10.54
C PHE B 250 15.04 7.41 -10.36
N SER B 251 15.59 8.24 -11.25
CA SER B 251 15.39 9.67 -11.16
C SER B 251 13.89 10.00 -11.22
N TYR B 252 13.19 9.35 -12.13
CA TYR B 252 11.75 9.68 -12.31
C TYR B 252 10.91 8.99 -11.23
N THR B 253 11.40 7.88 -10.68
CA THR B 253 10.76 7.26 -9.52
C THR B 253 10.76 8.27 -8.36
N ARG B 254 11.92 8.92 -8.12
CA ARG B 254 12.05 9.92 -7.06
C ARG B 254 11.17 11.15 -7.37
N LYS B 255 11.13 11.59 -8.63
CA LYS B 255 10.31 12.75 -8.99
C LYS B 255 8.82 12.46 -8.75
N LEU B 256 8.35 11.24 -9.07
CA LEU B 256 6.93 10.87 -8.89
C LEU B 256 6.51 11.01 -7.42
N ALA B 257 7.43 10.69 -6.50
CA ALA B 257 7.18 10.80 -5.08
C ALA B 257 7.18 12.26 -4.67
N LYS B 258 8.28 12.97 -4.98
CA LYS B 258 8.50 14.36 -4.58
C LYS B 258 7.44 15.30 -5.20
N LYS B 259 7.13 15.11 -6.49
CA LYS B 259 6.25 16.06 -7.17
C LYS B 259 4.76 15.66 -7.08
N ASN B 260 4.45 14.37 -7.01
CA ASN B 260 3.06 13.90 -7.24
C ASN B 260 2.53 13.08 -6.06
N GLY B 261 3.41 12.73 -5.10
CA GLY B 261 3.03 11.96 -3.95
C GLY B 261 2.80 10.48 -4.26
N LEU B 262 3.31 10.00 -5.38
CA LEU B 262 3.20 8.63 -5.78
C LEU B 262 4.41 7.86 -5.28
N LEU B 263 4.15 6.83 -4.47
CA LEU B 263 5.21 5.99 -3.88
C LEU B 263 5.26 4.66 -4.64
N VAL B 264 5.89 4.71 -5.82
CA VAL B 264 5.88 3.63 -6.77
C VAL B 264 7.30 3.08 -6.98
N GLY B 265 7.37 1.83 -7.45
CA GLY B 265 8.66 1.16 -7.66
C GLY B 265 9.41 1.70 -8.88
N SER B 266 10.67 1.30 -9.05
CA SER B 266 11.50 1.74 -10.17
C SER B 266 10.88 1.37 -11.55
N SER B 267 10.11 0.28 -11.65
CA SER B 267 9.53 -0.09 -12.93
C SER B 267 8.42 0.92 -13.35
N SER B 268 7.79 1.58 -12.36
CA SER B 268 6.87 2.69 -12.60
C SER B 268 7.60 3.93 -13.13
N GLY B 269 8.71 4.30 -12.48
CA GLY B 269 9.52 5.41 -12.95
C GLY B 269 10.01 5.19 -14.36
N ALA B 270 10.38 3.94 -14.69
CA ALA B 270 10.88 3.60 -16.03
C ALA B 270 9.76 3.77 -17.04
N ALA B 271 8.59 3.21 -16.74
CA ALA B 271 7.43 3.32 -17.60
C ALA B 271 7.03 4.80 -17.80
N PHE B 272 7.09 5.59 -16.73
CA PHE B 272 6.77 6.98 -16.79
C PHE B 272 7.73 7.77 -17.71
N VAL B 273 9.04 7.53 -17.60
CA VAL B 273 10.03 8.15 -18.47
C VAL B 273 9.73 7.83 -19.94
N ALA B 274 9.40 6.56 -20.20
CA ALA B 274 9.09 6.09 -21.53
C ALA B 274 7.82 6.81 -22.03
N ALA B 275 6.85 6.99 -21.14
CA ALA B 275 5.62 7.71 -21.49
C ALA B 275 5.91 9.18 -21.80
N LEU B 276 6.82 9.81 -21.05
CA LEU B 276 7.21 11.19 -21.31
C LEU B 276 7.88 11.32 -22.69
N LYS B 277 8.78 10.38 -23.04
CA LYS B 277 9.43 10.37 -24.35
C LYS B 277 8.40 10.17 -25.48
N GLU B 278 7.41 9.31 -25.25
CA GLU B 278 6.38 9.08 -26.23
C GLU B 278 5.52 10.36 -26.37
N ALA B 279 5.08 10.97 -25.24
CA ALA B 279 4.29 12.22 -25.36
C ALA B 279 5.08 13.29 -26.13
N GLN B 280 6.39 13.37 -25.87
CA GLN B 280 7.25 14.40 -26.49
C GLN B 280 7.42 14.18 -28.00
N ARG B 281 7.17 12.97 -28.52
CA ARG B 281 7.36 12.72 -29.95
C ARG B 281 6.02 12.79 -30.68
N LEU B 282 4.89 12.96 -29.96
CA LEU B 282 3.55 12.97 -30.59
C LEU B 282 3.00 14.39 -30.68
N PRO B 283 2.01 14.64 -31.57
CA PRO B 283 1.43 15.97 -31.71
C PRO B 283 0.77 16.47 -30.41
N GLU B 284 0.60 17.76 -30.29
CA GLU B 284 -0.20 18.35 -29.24
C GLU B 284 -1.56 17.67 -29.21
N GLY B 285 -2.10 17.49 -28.00
CA GLY B 285 -3.39 16.90 -27.79
C GLY B 285 -3.35 15.38 -27.71
N SER B 286 -2.16 14.77 -27.73
CA SER B 286 -2.07 13.32 -27.67
C SER B 286 -2.33 12.80 -26.24
N GLN B 287 -2.91 11.60 -26.13
CA GLN B 287 -3.27 11.00 -24.85
C GLN B 287 -2.50 9.69 -24.71
N VAL B 288 -1.60 9.60 -23.74
CA VAL B 288 -0.70 8.43 -23.60
C VAL B 288 -1.06 7.67 -22.31
N LEU B 289 -1.30 6.36 -22.43
CA LEU B 289 -1.65 5.53 -21.29
C LEU B 289 -0.42 4.73 -20.86
N THR B 290 -0.17 4.65 -19.55
CA THR B 290 0.89 3.74 -19.02
C THR B 290 0.33 3.08 -17.76
N ILE B 291 1.10 2.13 -17.21
CA ILE B 291 0.74 1.41 -16.02
C ILE B 291 1.89 1.57 -15.02
N PHE B 292 1.55 1.88 -13.78
CA PHE B 292 2.47 1.86 -12.65
C PHE B 292 2.29 0.56 -11.89
N PRO B 293 3.16 -0.45 -12.07
CA PRO B 293 2.89 -1.79 -11.55
C PRO B 293 2.90 -2.04 -10.03
N ASP B 294 3.76 -1.38 -9.24
CA ASP B 294 3.92 -1.81 -7.85
C ASP B 294 4.37 -0.65 -6.95
N VAL B 295 4.30 -0.91 -5.64
CA VAL B 295 4.59 0.04 -4.59
C VAL B 295 6.11 0.11 -4.32
N ALA B 296 6.57 1.29 -3.90
CA ALA B 296 7.99 1.56 -3.62
C ALA B 296 8.47 0.85 -2.34
N ASP B 297 7.56 0.59 -1.39
CA ASP B 297 7.89 0.15 -0.03
C ASP B 297 8.65 -1.17 -0.04
N ARG B 298 8.46 -2.00 -1.07
CA ARG B 298 9.14 -3.30 -1.15
C ARG B 298 10.58 -3.13 -1.63
N TYR B 299 11.05 -1.89 -1.82
CA TYR B 299 12.42 -1.67 -2.29
C TYR B 299 13.19 -0.76 -1.37
N LEU B 300 12.66 -0.48 -0.17
CA LEU B 300 13.35 0.45 0.75
C LEU B 300 14.70 -0.13 1.20
N SER B 301 14.83 -1.46 1.32
CA SER B 301 16.08 -2.12 1.73
C SER B 301 17.18 -1.88 0.67
N LYS B 302 16.79 -1.51 -0.55
CA LYS B 302 17.73 -1.14 -1.58
C LYS B 302 17.81 0.39 -1.67
N GLY B 303 18.31 0.88 -2.78
CA GLY B 303 18.53 2.31 -2.94
C GLY B 303 17.26 3.17 -2.93
N ILE B 304 16.07 2.61 -3.26
CA ILE B 304 15.01 3.45 -3.83
C ILE B 304 14.91 4.71 -2.95
N TYR B 305 14.87 5.90 -3.56
CA TYR B 305 14.81 7.19 -2.79
C TYR B 305 16.20 7.52 -2.17
N LEU B 306 17.27 7.25 -2.93
CA LEU B 306 18.69 7.65 -2.63
C LEU B 306 19.47 7.73 -3.95
N MET C . 7.45 -9.36 -11.85
CA MET C . 6.91 -9.48 -10.46
C MET C . 7.86 -8.80 -9.48
O MET C . 7.84 -9.20 -8.30
CB MET C . 6.74 -10.96 -10.08
CG MET C . 6.75 -11.90 -11.27
SD MET C . 8.04 -11.50 -12.47
CE MET C . 7.06 -11.24 -13.95
OXT MET C . 8.59 -7.90 -9.89
#